data_7R4U
#
_entry.id   7R4U
#
_cell.length_a   59.340
_cell.length_b   79.970
_cell.length_c   82.880
_cell.angle_alpha   90.000
_cell.angle_beta   90.000
_cell.angle_gamma   90.000
#
_symmetry.space_group_name_H-M   'P 21 21 21'
#
loop_
_entity.id
_entity.type
_entity.pdbx_description
1 polymer FtrA-P19
2 non-polymer 'SULFATE ION'
3 non-polymer 'SODIUM ION'
4 non-polymer GLYCEROL
5 water water
#
_entity_poly.entity_id   1
_entity_poly.type   'polypeptide(L)'
_entity_poly.pdbx_seq_one_letter_code
;MLEYPIGTPQNLAGMEIAAVYLQPIDMEPEGHMRKASESDIHIEADIHALSNNPNGYPEGFWVPFLFIKYEITKVGGSGA
PITGDMMAMVASDGPHYGDNVKLQGPGKYKVKYTIYPPNAKENPMSPYYGRHTDRETGVRPWFKTFSVEWDFTYAGIGKK
GGY
;
_entity_poly.pdbx_strand_id   A,B
#
loop_
_chem_comp.id
_chem_comp.type
_chem_comp.name
_chem_comp.formula
GOL non-polymer GLYCEROL 'C3 H8 O3'
NA non-polymer 'SODIUM ION' 'Na 1'
SO4 non-polymer 'SULFATE ION' 'O4 S -2'
#
# COMPACT_ATOMS: atom_id res chain seq x y z
N MET A 1 -16.58 18.98 -8.67
CA MET A 1 -17.61 18.03 -8.24
C MET A 1 -17.58 17.93 -6.72
N LEU A 2 -18.75 17.81 -6.12
CA LEU A 2 -18.85 17.72 -4.68
C LEU A 2 -18.50 16.36 -4.10
N GLU A 3 -17.77 16.36 -2.99
CA GLU A 3 -17.53 15.15 -2.18
C GLU A 3 -18.47 15.33 -0.99
N TYR A 4 -19.51 14.50 -0.90
CA TYR A 4 -20.51 14.60 0.15
C TYR A 4 -20.15 13.80 1.36
N PRO A 5 -20.37 14.32 2.53
CA PRO A 5 -20.00 13.56 3.74
C PRO A 5 -21.08 12.56 4.14
N ILE A 6 -20.64 11.46 4.75
CA ILE A 6 -21.55 10.51 5.38
C ILE A 6 -21.21 10.59 6.87
N GLY A 7 -21.98 11.37 7.63
CA GLY A 7 -21.68 11.58 9.04
C GLY A 7 -20.34 12.27 9.25
N THR A 8 -19.74 12.03 10.41
CA THR A 8 -18.48 12.61 10.85
C THR A 8 -17.47 11.48 11.07
N PRO A 9 -16.17 11.71 10.88
CA PRO A 9 -15.23 10.61 11.04
C PRO A 9 -15.18 10.07 12.46
N GLN A 10 -14.83 8.77 12.58
CA GLN A 10 -14.70 8.11 13.88
C GLN A 10 -13.27 7.59 14.01
N ASN A 11 -12.71 7.66 15.21
CA ASN A 11 -11.31 7.28 15.49
C ASN A 11 -11.23 6.00 16.25
N LEU A 12 -10.54 5.00 15.71
CA LEU A 12 -10.35 3.72 16.41
C LEU A 12 -9.04 3.12 16.03
N ALA A 13 -8.38 2.48 17.01
CA ALA A 13 -7.17 1.71 16.75
C ALA A 13 -6.09 2.54 16.04
N GLY A 14 -5.98 3.80 16.40
CA GLY A 14 -4.95 4.67 15.85
C GLY A 14 -5.21 5.13 14.43
N MET A 15 -6.48 5.04 13.97
CA MET A 15 -6.85 5.45 12.63
C MET A 15 -8.09 6.30 12.65
N GLU A 16 -8.18 7.22 11.69
CA GLU A 16 -9.43 7.92 11.42
C GLU A 16 -10.15 7.14 10.33
N ILE A 17 -11.44 6.85 10.56
CA ILE A 17 -12.28 6.20 9.58
CA ILE A 17 -12.31 6.16 9.62
C ILE A 17 -13.38 7.16 9.18
N ALA A 18 -13.36 7.57 7.92
CA ALA A 18 -14.34 8.53 7.40
C ALA A 18 -15.06 7.94 6.21
N ALA A 19 -16.30 8.35 6.00
CA ALA A 19 -17.14 7.91 4.90
C ALA A 19 -17.55 9.13 4.10
N VAL A 20 -17.45 9.05 2.77
CA VAL A 20 -17.87 10.11 1.85
C VAL A 20 -18.45 9.46 0.60
N TYR A 21 -19.07 10.26 -0.26
CA TYR A 21 -19.49 9.75 -1.55
C TYR A 21 -19.43 10.85 -2.58
N LEU A 22 -19.46 10.46 -3.83
N LEU A 22 -19.27 10.42 -3.84
CA LEU A 22 -19.45 11.41 -4.95
CA LEU A 22 -19.17 11.30 -5.02
C LEU A 22 -20.18 10.76 -6.10
C LEU A 22 -20.03 10.70 -6.13
N GLN A 23 -20.10 11.34 -7.29
CA GLN A 23 -20.79 10.74 -8.43
C GLN A 23 -20.00 9.45 -8.83
N PRO A 24 -20.67 8.50 -9.51
CA PRO A 24 -19.98 7.27 -9.92
C PRO A 24 -18.74 7.57 -10.77
N ILE A 25 -17.71 6.75 -10.62
CA ILE A 25 -16.45 6.95 -11.31
C ILE A 25 -16.20 5.86 -12.35
N ASP A 26 -15.15 6.06 -13.15
CA ASP A 26 -14.68 5.08 -14.12
C ASP A 26 -13.29 4.68 -13.61
N MET A 27 -12.92 3.42 -13.78
CA MET A 27 -11.66 2.93 -13.24
C MET A 27 -10.96 2.00 -14.18
N GLU A 28 -9.62 2.01 -14.16
CA GLU A 28 -8.77 1.00 -14.79
C GLU A 28 -8.35 0.09 -13.62
N PRO A 29 -8.55 -1.24 -13.69
CA PRO A 29 -9.08 -2.02 -14.81
C PRO A 29 -10.59 -1.91 -14.95
N GLU A 30 -11.06 -1.88 -16.20
CA GLU A 30 -12.50 -1.83 -16.50
C GLU A 30 -13.14 -3.17 -16.15
N GLY A 31 -14.44 -3.14 -15.92
CA GLY A 31 -15.22 -4.34 -15.63
C GLY A 31 -15.19 -4.81 -14.19
N HIS A 32 -14.71 -3.97 -13.25
CA HIS A 32 -14.67 -4.30 -11.83
C HIS A 32 -15.69 -3.45 -11.07
N MET A 33 -15.70 -2.15 -11.35
CA MET A 33 -16.71 -1.24 -10.82
C MET A 33 -17.97 -1.47 -11.64
N ARG A 34 -19.13 -1.37 -10.97
CA ARG A 34 -20.40 -1.34 -11.64
C ARG A 34 -20.33 -0.12 -12.61
N LYS A 35 -20.93 -0.24 -13.80
CA LYS A 35 -20.89 0.85 -14.75
C LYS A 35 -21.42 2.12 -14.11
N ALA A 36 -20.78 3.25 -14.43
CA ALA A 36 -21.21 4.55 -13.88
C ALA A 36 -22.64 4.87 -14.27
N SER A 37 -23.05 4.50 -15.52
CA SER A 37 -24.42 4.71 -16.00
C SER A 37 -25.47 3.88 -15.27
N GLU A 38 -25.03 2.81 -14.56
CA GLU A 38 -25.92 1.93 -13.79
C GLU A 38 -25.76 2.16 -12.29
N SER A 39 -25.11 3.27 -11.89
CA SER A 39 -24.86 3.56 -10.48
C SER A 39 -25.37 4.92 -10.12
N ASP A 40 -25.54 5.14 -8.80
CA ASP A 40 -25.96 6.44 -8.28
C ASP A 40 -24.79 7.18 -7.66
N ILE A 41 -23.91 6.48 -6.93
CA ILE A 41 -22.80 7.14 -6.26
C ILE A 41 -21.56 6.29 -6.31
N HIS A 42 -20.43 6.90 -6.00
CA HIS A 42 -19.19 6.19 -5.68
C HIS A 42 -19.00 6.42 -4.18
N ILE A 43 -19.09 5.38 -3.37
CA ILE A 43 -18.90 5.49 -1.94
C ILE A 43 -17.43 5.21 -1.60
N GLU A 44 -16.88 5.92 -0.62
CA GLU A 44 -15.49 5.74 -0.23
C GLU A 44 -15.32 5.58 1.27
N ALA A 45 -14.32 4.78 1.66
CA ALA A 45 -13.82 4.70 3.02
C ALA A 45 -12.48 5.36 3.01
N ASP A 46 -12.33 6.45 3.78
CA ASP A 46 -11.08 7.20 3.89
C ASP A 46 -10.46 6.87 5.22
N ILE A 47 -9.34 6.16 5.19
CA ILE A 47 -8.71 5.66 6.41
C ILE A 47 -7.28 6.15 6.48
N HIS A 48 -6.98 6.95 7.51
CA HIS A 48 -5.63 7.51 7.65
C HIS A 48 -5.15 7.34 9.07
N ALA A 49 -3.82 7.31 9.26
CA ALA A 49 -3.25 7.14 10.58
C ALA A 49 -3.35 8.39 11.44
N LEU A 50 -3.66 8.17 12.71
CA LEU A 50 -3.63 9.24 13.69
C LEU A 50 -2.20 9.34 14.25
N SER A 51 -1.98 10.28 15.18
CA SER A 51 -0.67 10.36 15.85
C SER A 51 -0.46 9.11 16.71
N ASN A 52 0.80 8.70 16.90
CA ASN A 52 1.16 7.49 17.67
C ASN A 52 0.41 6.23 17.21
N ASN A 53 0.27 6.06 15.88
CA ASN A 53 -0.45 4.89 15.34
C ASN A 53 0.32 3.64 15.81
N PRO A 54 -0.35 2.58 16.28
CA PRO A 54 0.40 1.46 16.86
C PRO A 54 1.05 0.55 15.86
N ASN A 55 0.67 0.67 14.58
CA ASN A 55 1.23 -0.19 13.54
C ASN A 55 2.36 0.46 12.76
N GLY A 56 2.85 1.61 13.23
CA GLY A 56 4.01 2.26 12.61
C GLY A 56 3.73 3.31 11.55
N TYR A 57 2.46 3.61 11.27
CA TYR A 57 2.22 4.61 10.23
C TYR A 57 2.40 6.02 10.73
N PRO A 58 3.12 6.85 9.95
CA PRO A 58 3.20 8.27 10.34
C PRO A 58 1.80 8.91 10.27
N GLU A 59 1.57 9.90 11.12
CA GLU A 59 0.30 10.62 11.16
C GLU A 59 -0.07 11.16 9.78
N GLY A 60 -1.31 10.90 9.35
CA GLY A 60 -1.81 11.34 8.06
C GLY A 60 -1.62 10.37 6.91
N PHE A 61 -0.78 9.33 7.09
CA PHE A 61 -0.62 8.37 5.98
C PHE A 61 -1.89 7.59 5.73
N TRP A 62 -2.11 7.25 4.48
CA TRP A 62 -3.18 6.32 4.12
C TRP A 62 -2.81 4.96 4.71
N VAL A 63 -3.80 4.23 5.22
CA VAL A 63 -3.56 2.91 5.77
C VAL A 63 -3.85 1.90 4.66
N PRO A 64 -2.80 1.25 4.12
CA PRO A 64 -2.95 0.43 2.92
C PRO A 64 -3.24 -1.02 3.20
N PHE A 65 -3.64 -1.76 2.16
N PHE A 65 -3.68 -1.75 2.17
CA PHE A 65 -3.81 -3.22 2.21
CA PHE A 65 -3.88 -3.21 2.21
C PHE A 65 -4.96 -3.70 3.13
C PHE A 65 -4.93 -3.66 3.21
N LEU A 66 -5.91 -2.80 3.45
CA LEU A 66 -7.06 -3.19 4.23
C LEU A 66 -8.08 -3.77 3.26
N PHE A 67 -9.12 -4.38 3.78
CA PHE A 67 -10.23 -4.90 2.99
C PHE A 67 -11.50 -4.42 3.68
N ILE A 68 -12.37 -3.77 2.94
CA ILE A 68 -13.55 -3.12 3.53
C ILE A 68 -14.79 -3.67 2.88
N LYS A 69 -15.73 -4.13 3.69
CA LYS A 69 -17.04 -4.53 3.23
C LYS A 69 -18.04 -3.46 3.67
N TYR A 70 -19.09 -3.25 2.89
CA TYR A 70 -20.08 -2.27 3.29
C TYR A 70 -21.47 -2.83 3.23
N GLU A 71 -22.39 -2.25 4.02
N GLU A 71 -22.36 -2.20 4.01
CA GLU A 71 -23.83 -2.60 4.04
CA GLU A 71 -23.79 -2.52 4.04
C GLU A 71 -24.58 -1.26 4.17
C GLU A 71 -24.50 -1.17 4.09
N ILE A 72 -25.38 -0.93 3.14
CA ILE A 72 -26.11 0.35 3.06
C ILE A 72 -27.59 0.01 3.10
N THR A 73 -28.34 0.57 4.04
CA THR A 73 -29.74 0.18 4.21
C THR A 73 -30.62 1.42 4.28
N LYS A 74 -31.66 1.49 3.45
CA LYS A 74 -32.60 2.61 3.49
C LYS A 74 -33.31 2.54 4.85
N VAL A 75 -33.23 3.60 5.61
CA VAL A 75 -33.70 3.63 7.01
C VAL A 75 -35.20 3.40 7.10
N GLY A 76 -35.57 2.33 7.82
CA GLY A 76 -36.98 1.99 8.12
C GLY A 76 -37.88 1.90 6.91
N GLY A 77 -37.33 1.45 5.80
CA GLY A 77 -38.07 1.39 4.56
C GLY A 77 -37.97 0.09 3.81
N SER A 78 -38.82 -0.03 2.78
CA SER A 78 -38.84 -1.20 1.90
CA SER A 78 -38.83 -1.19 1.90
C SER A 78 -37.51 -1.27 1.15
N GLY A 79 -37.01 -2.47 0.97
CA GLY A 79 -35.78 -2.70 0.25
C GLY A 79 -34.77 -3.46 1.07
N ALA A 80 -34.04 -4.35 0.43
CA ALA A 80 -33.01 -5.13 1.08
C ALA A 80 -31.78 -4.27 1.31
N PRO A 81 -30.94 -4.65 2.28
CA PRO A 81 -29.64 -3.95 2.42
C PRO A 81 -28.81 -4.13 1.14
N ILE A 82 -28.02 -3.11 0.80
CA ILE A 82 -27.17 -3.10 -0.38
C ILE A 82 -25.78 -3.41 0.12
N THR A 83 -25.17 -4.47 -0.34
CA THR A 83 -23.88 -4.90 0.17
C THR A 83 -22.84 -5.01 -0.90
N GLY A 84 -21.58 -4.96 -0.49
CA GLY A 84 -20.49 -5.13 -1.45
C GLY A 84 -19.16 -5.03 -0.77
N ASP A 85 -18.12 -5.22 -1.56
CA ASP A 85 -16.75 -5.07 -1.13
C ASP A 85 -16.18 -3.86 -1.82
N MET A 86 -15.43 -3.05 -1.11
N MET A 86 -15.43 -3.04 -1.07
CA MET A 86 -14.76 -1.96 -1.80
CA MET A 86 -14.69 -1.90 -1.62
C MET A 86 -13.50 -2.49 -2.45
C MET A 86 -13.45 -2.45 -2.35
N MET A 87 -12.86 -1.62 -3.22
CA MET A 87 -11.59 -1.91 -3.86
C MET A 87 -10.65 -0.72 -3.56
N ALA A 88 -9.38 -0.99 -3.36
CA ALA A 88 -8.37 0.06 -3.19
C ALA A 88 -8.07 0.66 -4.57
N MET A 89 -7.96 2.00 -4.62
CA MET A 89 -7.69 2.66 -5.90
C MET A 89 -7.19 4.07 -5.65
N VAL A 90 -6.52 4.64 -6.66
CA VAL A 90 -6.03 6.01 -6.54
C VAL A 90 -6.86 6.97 -7.41
N ALA A 91 -7.03 8.19 -6.92
CA ALA A 91 -7.74 9.25 -7.63
C ALA A 91 -6.90 10.51 -7.53
N SER A 92 -7.41 11.63 -8.09
CA SER A 92 -6.64 12.88 -8.10
C SER A 92 -6.39 13.46 -6.70
N ASP A 93 -7.14 13.01 -5.71
CA ASP A 93 -6.96 13.43 -4.32
C ASP A 93 -6.29 12.31 -3.49
N GLY A 94 -5.66 11.33 -4.16
CA GLY A 94 -4.94 10.26 -3.48
C GLY A 94 -5.69 8.94 -3.42
N PRO A 95 -5.12 8.00 -2.64
CA PRO A 95 -5.73 6.65 -2.56
C PRO A 95 -6.95 6.61 -1.67
N HIS A 96 -7.84 5.67 -1.98
CA HIS A 96 -9.05 5.42 -1.21
C HIS A 96 -9.40 3.96 -1.28
N TYR A 97 -10.40 3.55 -0.51
CA TYR A 97 -11.13 2.30 -0.76
C TYR A 97 -12.52 2.78 -1.25
N GLY A 98 -13.04 2.19 -2.31
CA GLY A 98 -14.33 2.69 -2.83
C GLY A 98 -15.07 1.69 -3.66
N ASP A 99 -16.32 2.03 -4.00
CA ASP A 99 -17.13 1.22 -4.91
C ASP A 99 -18.25 2.04 -5.51
N ASN A 100 -18.62 1.74 -6.77
CA ASN A 100 -19.81 2.33 -7.37
C ASN A 100 -21.03 1.56 -6.85
N VAL A 101 -22.08 2.29 -6.46
CA VAL A 101 -23.27 1.69 -5.86
C VAL A 101 -24.54 2.25 -6.48
N LYS A 102 -25.55 1.36 -6.65
CA LYS A 102 -26.89 1.78 -7.05
C LYS A 102 -27.71 1.79 -5.75
N LEU A 103 -28.33 2.92 -5.46
CA LEU A 103 -29.17 3.09 -4.28
C LEU A 103 -30.63 2.79 -4.60
N GLN A 104 -31.54 3.13 -3.68
CA GLN A 104 -32.98 2.86 -3.79
C GLN A 104 -33.79 4.17 -3.71
N GLY A 105 -33.26 5.21 -4.34
CA GLY A 105 -33.93 6.50 -4.37
C GLY A 105 -33.57 7.44 -3.23
N PRO A 106 -34.04 8.70 -3.29
CA PRO A 106 -33.72 9.65 -2.20
C PRO A 106 -34.25 9.23 -0.84
N GLY A 107 -33.56 9.64 0.20
CA GLY A 107 -33.96 9.34 1.56
C GLY A 107 -32.79 9.05 2.46
N LYS A 108 -33.09 8.68 3.71
CA LYS A 108 -32.04 8.42 4.69
C LYS A 108 -31.55 6.99 4.56
N TYR A 109 -30.23 6.80 4.67
CA TYR A 109 -29.60 5.48 4.62
C TYR A 109 -28.65 5.29 5.77
N LYS A 110 -28.58 4.08 6.31
CA LYS A 110 -27.52 3.67 7.23
C LYS A 110 -26.36 3.18 6.36
N VAL A 111 -25.12 3.45 6.79
CA VAL A 111 -23.95 2.98 6.11
C VAL A 111 -23.06 2.33 7.15
N LYS A 112 -22.76 1.05 6.98
CA LYS A 112 -21.87 0.33 7.90
C LYS A 112 -20.68 -0.18 7.14
N TYR A 113 -19.47 0.09 7.62
CA TYR A 113 -18.27 -0.49 7.03
C TYR A 113 -17.71 -1.50 8.01
N THR A 114 -17.21 -2.63 7.50
CA THR A 114 -16.52 -3.66 8.30
C THR A 114 -15.09 -3.65 7.72
N ILE A 115 -14.11 -3.36 8.58
N ILE A 115 -14.11 -3.30 8.57
CA ILE A 115 -12.74 -3.14 8.17
CA ILE A 115 -12.71 -3.07 8.23
C ILE A 115 -11.85 -4.25 8.65
C ILE A 115 -11.90 -4.28 8.65
N TYR A 116 -11.23 -4.92 7.68
CA TYR A 116 -10.43 -6.13 7.92
C TYR A 116 -8.95 -5.77 7.83
N PRO A 117 -8.17 -6.18 8.83
CA PRO A 117 -6.74 -5.91 8.82
C PRO A 117 -6.03 -6.75 7.76
N PRO A 118 -4.75 -6.42 7.47
CA PRO A 118 -4.01 -7.17 6.43
C PRO A 118 -3.87 -8.64 6.70
N ASN A 119 -3.93 -9.08 7.97
CA ASN A 119 -3.72 -10.49 8.31
C ASN A 119 -5.04 -11.23 8.52
N ALA A 120 -6.19 -10.63 8.18
CA ALA A 120 -7.49 -11.32 8.37
C ALA A 120 -7.62 -12.39 7.30
N LYS A 121 -8.26 -13.53 7.64
CA LYS A 121 -8.39 -14.56 6.62
C LYS A 121 -9.27 -14.12 5.43
N GLU A 122 -10.16 -13.15 5.65
CA GLU A 122 -11.01 -12.63 4.59
C GLU A 122 -10.30 -11.61 3.72
N ASN A 123 -9.13 -11.09 4.14
CA ASN A 123 -8.44 -10.06 3.36
C ASN A 123 -7.56 -10.75 2.33
N PRO A 124 -7.84 -10.56 1.04
CA PRO A 124 -7.03 -11.28 0.02
C PRO A 124 -5.61 -10.77 -0.16
N MET A 125 -5.29 -9.68 0.50
CA MET A 125 -3.98 -9.12 0.39
C MET A 125 -3.07 -9.67 1.48
N SER A 126 -3.55 -10.59 2.38
CA SER A 126 -2.74 -11.18 3.43
C SER A 126 -1.42 -11.82 2.94
N PRO A 127 -1.34 -12.45 1.73
CA PRO A 127 -0.04 -13.01 1.32
C PRO A 127 0.97 -11.95 0.85
N TYR A 128 0.57 -10.68 0.76
CA TYR A 128 1.34 -9.64 0.11
C TYR A 128 1.74 -8.49 1.01
N TYR A 129 1.44 -8.58 2.33
CA TYR A 129 1.83 -7.47 3.23
C TYR A 129 2.22 -8.01 4.56
N GLY A 130 3.29 -7.44 5.10
CA GLY A 130 3.84 -7.86 6.38
C GLY A 130 3.91 -6.75 7.40
N ARG A 131 4.34 -7.16 8.60
CA ARG A 131 4.53 -6.25 9.72
C ARG A 131 5.81 -6.65 10.40
N HIS A 132 6.75 -5.70 10.63
CA HIS A 132 7.96 -6.07 11.37
C HIS A 132 7.61 -6.43 12.82
N THR A 133 8.31 -7.44 13.36
CA THR A 133 8.08 -7.89 14.73
C THR A 133 9.34 -7.94 15.57
N ASP A 134 10.51 -7.62 14.99
CA ASP A 134 11.76 -7.64 15.77
C ASP A 134 11.73 -6.49 16.76
N ARG A 135 12.56 -6.56 17.79
CA ARG A 135 12.57 -5.55 18.83
C ARG A 135 12.88 -4.14 18.33
N GLU A 136 13.92 -3.99 17.49
CA GLU A 136 14.34 -2.65 17.10
C GLU A 136 13.45 -1.94 16.12
N THR A 137 12.76 -2.67 15.21
CA THR A 137 11.95 -2.01 14.19
C THR A 137 10.50 -2.44 14.17
N GLY A 138 10.13 -3.34 15.06
CA GLY A 138 8.78 -3.90 15.09
C GLY A 138 7.71 -2.96 15.57
N VAL A 139 6.47 -3.33 15.28
CA VAL A 139 5.31 -2.54 15.67
C VAL A 139 4.31 -3.45 16.39
N ARG A 140 3.25 -2.86 16.93
CA ARG A 140 2.24 -3.62 17.65
C ARG A 140 1.41 -4.49 16.70
N PRO A 141 0.70 -5.50 17.23
CA PRO A 141 -0.11 -6.36 16.36
C PRO A 141 -1.19 -5.59 15.63
N TRP A 142 -1.65 -6.16 14.53
CA TRP A 142 -2.76 -5.59 13.78
C TRP A 142 -4.01 -5.53 14.67
N PHE A 143 -4.85 -4.54 14.42
CA PHE A 143 -6.17 -4.45 15.02
C PHE A 143 -7.00 -5.65 14.58
N LYS A 144 -8.08 -5.96 15.31
CA LYS A 144 -9.00 -7.02 14.93
C LYS A 144 -10.12 -6.38 14.11
N THR A 145 -10.69 -7.14 13.20
CA THR A 145 -11.78 -6.69 12.33
C THR A 145 -12.86 -6.00 13.17
N PHE A 146 -13.33 -4.84 12.69
CA PHE A 146 -14.38 -4.11 13.41
C PHE A 146 -15.26 -3.38 12.45
N SER A 147 -16.41 -2.91 12.96
CA SER A 147 -17.36 -2.15 12.15
C SER A 147 -17.57 -0.77 12.70
N VAL A 148 -17.95 0.14 11.80
CA VAL A 148 -18.32 1.53 12.12
CA VAL A 148 -18.26 1.55 12.07
C VAL A 148 -19.57 1.84 11.33
N GLU A 149 -20.47 2.65 11.88
CA GLU A 149 -21.71 2.97 11.21
C GLU A 149 -22.09 4.41 11.33
N TRP A 150 -22.73 4.91 10.26
CA TRP A 150 -23.22 6.29 10.18
C TRP A 150 -24.56 6.28 9.48
N ASP A 151 -25.13 7.43 9.30
CA ASP A 151 -26.25 7.58 8.38
C ASP A 151 -26.13 8.86 7.63
N PHE A 152 -26.80 8.94 6.53
CA PHE A 152 -26.78 10.18 5.70
C PHE A 152 -28.07 10.28 4.95
N THR A 153 -28.35 11.46 4.41
CA THR A 153 -29.54 11.68 3.60
C THR A 153 -29.10 11.83 2.15
N TYR A 154 -29.55 10.93 1.28
CA TYR A 154 -29.26 11.00 -0.14
C TYR A 154 -30.32 11.87 -0.80
N ALA A 155 -29.89 12.91 -1.53
CA ALA A 155 -30.86 13.80 -2.19
C ALA A 155 -30.99 13.49 -3.67
N GLY A 156 -29.89 12.99 -4.24
CA GLY A 156 -29.74 12.69 -5.66
C GLY A 156 -28.38 13.14 -6.17
N MET B 1 16.71 5.26 15.50
CA MET B 1 17.19 4.07 14.82
C MET B 1 18.13 4.51 13.71
N LEU B 2 19.00 3.57 13.26
CA LEU B 2 19.92 3.81 12.13
C LEU B 2 19.76 2.85 10.97
N GLU B 3 19.83 3.39 9.74
CA GLU B 3 19.82 2.63 8.49
C GLU B 3 21.00 3.14 7.67
N TYR B 4 21.30 2.44 6.58
CA TYR B 4 22.49 2.74 5.78
C TYR B 4 22.12 2.95 4.33
N PRO B 5 22.67 3.96 3.67
CA PRO B 5 22.31 4.22 2.28
C PRO B 5 23.03 3.36 1.26
N ILE B 6 22.38 3.12 0.14
CA ILE B 6 22.97 2.52 -1.05
C ILE B 6 22.92 3.64 -2.10
N GLY B 7 24.06 4.28 -2.34
CA GLY B 7 24.10 5.40 -3.27
C GLY B 7 23.22 6.55 -2.82
N THR B 8 22.65 7.29 -3.76
CA THR B 8 21.78 8.44 -3.48
C THR B 8 20.47 8.21 -4.23
N PRO B 9 19.37 8.78 -3.71
CA PRO B 9 18.08 8.52 -4.36
C PRO B 9 18.01 9.03 -5.79
N GLN B 10 17.13 8.39 -6.57
CA GLN B 10 16.89 8.78 -7.95
C GLN B 10 15.45 9.15 -8.17
N ASN B 11 15.18 10.24 -8.89
CA ASN B 11 13.82 10.68 -9.17
C ASN B 11 13.39 10.26 -10.54
N LEU B 12 12.31 9.48 -10.61
CA LEU B 12 11.79 9.00 -11.91
C LEU B 12 10.28 8.85 -11.84
N ALA B 13 9.58 9.28 -12.89
CA ALA B 13 8.12 9.09 -13.00
C ALA B 13 7.32 9.64 -11.81
N GLY B 14 7.73 10.78 -11.29
CA GLY B 14 7.01 11.43 -10.21
C GLY B 14 7.24 10.80 -8.85
N MET B 15 8.32 9.98 -8.72
CA MET B 15 8.66 9.29 -7.48
C MET B 15 10.12 9.42 -7.14
N GLU B 16 10.42 9.40 -5.85
CA GLU B 16 11.78 9.27 -5.36
C GLU B 16 11.97 7.79 -5.11
N ILE B 17 13.05 7.23 -5.69
CA ILE B 17 13.45 5.84 -5.54
CA ILE B 17 13.42 5.84 -5.47
C ILE B 17 14.75 5.81 -4.75
N ALA B 18 14.72 5.32 -3.52
CA ALA B 18 15.92 5.25 -2.69
C ALA B 18 16.18 3.80 -2.28
N ALA B 19 17.44 3.44 -2.16
CA ALA B 19 17.87 2.12 -1.71
C ALA B 19 18.57 2.30 -0.38
N VAL B 20 18.20 1.48 0.57
N VAL B 20 18.12 1.51 0.61
CA VAL B 20 18.81 1.51 1.88
CA VAL B 20 18.57 1.55 2.00
C VAL B 20 18.88 0.10 2.39
C VAL B 20 18.71 0.14 2.53
N TYR B 21 19.60 -0.09 3.51
CA TYR B 21 19.63 -1.38 4.18
C TYR B 21 19.76 -1.18 5.67
N LEU B 22 19.46 -2.24 6.41
CA LEU B 22 19.62 -2.28 7.88
C LEU B 22 19.85 -3.72 8.26
N GLN B 23 19.86 -4.02 9.56
CA GLN B 23 20.04 -5.40 9.98
C GLN B 23 18.87 -6.26 9.51
N PRO B 24 19.05 -7.60 9.40
CA PRO B 24 17.90 -8.46 9.05
C PRO B 24 16.76 -8.29 10.05
N ILE B 25 15.51 -8.38 9.57
CA ILE B 25 14.35 -8.17 10.43
C ILE B 25 13.55 -9.46 10.56
N ASP B 26 12.53 -9.41 11.43
CA ASP B 26 11.56 -10.51 11.58
C ASP B 26 10.22 -9.92 11.16
N MET B 27 9.36 -10.74 10.54
CA MET B 27 8.10 -10.24 10.02
C MET B 27 6.93 -11.19 10.34
N GLU B 28 5.73 -10.64 10.51
CA GLU B 28 4.47 -11.39 10.56
C GLU B 28 3.86 -11.17 9.17
N PRO B 29 3.48 -12.21 8.41
CA PRO B 29 3.51 -13.64 8.79
C PRO B 29 4.92 -14.21 8.79
N GLU B 30 5.18 -15.05 9.80
CA GLU B 30 6.46 -15.68 9.99
C GLU B 30 6.72 -16.74 8.92
N GLY B 31 8.01 -16.97 8.62
CA GLY B 31 8.43 -17.97 7.65
C GLY B 31 8.38 -17.59 6.19
N HIS B 32 8.34 -16.27 5.88
CA HIS B 32 8.32 -15.76 4.51
C HIS B 32 9.66 -15.08 4.17
N MET B 33 10.20 -14.29 5.08
CA MET B 33 11.53 -13.70 4.92
C MET B 33 12.55 -14.81 5.19
N ARG B 34 13.72 -14.70 4.58
CA ARG B 34 14.84 -15.56 4.92
C ARG B 34 15.12 -15.33 6.43
N LYS B 35 15.48 -16.38 7.16
CA LYS B 35 15.74 -16.24 8.58
C LYS B 35 16.79 -15.15 8.82
N ALA B 36 16.58 -14.33 9.86
CA ALA B 36 17.52 -13.26 10.21
C ALA B 36 18.91 -13.85 10.49
N SER B 37 18.99 -15.05 11.13
CA SER B 37 20.26 -15.72 11.44
C SER B 37 20.99 -16.23 10.19
N GLU B 38 20.30 -16.32 9.03
CA GLU B 38 20.87 -16.78 7.76
C GLU B 38 21.00 -15.60 6.78
N SER B 39 20.90 -14.36 7.29
CA SER B 39 20.95 -13.16 6.43
C SER B 39 22.00 -12.21 6.92
N ASP B 40 22.45 -11.31 6.04
CA ASP B 40 23.38 -10.25 6.39
C ASP B 40 22.66 -8.93 6.61
N ILE B 41 21.68 -8.61 5.75
CA ILE B 41 21.02 -7.30 5.81
C ILE B 41 19.55 -7.49 5.46
N HIS B 42 18.77 -6.47 5.74
CA HIS B 42 17.42 -6.28 5.20
C HIS B 42 17.57 -5.15 4.19
N ILE B 43 17.40 -5.45 2.90
CA ILE B 43 17.50 -4.42 1.86
C ILE B 43 16.12 -3.86 1.60
N GLU B 44 16.04 -2.57 1.28
CA GLU B 44 14.77 -1.92 1.04
C GLU B 44 14.78 -1.02 -0.14
N ALA B 45 13.59 -0.87 -0.72
CA ALA B 45 13.31 0.15 -1.68
C ALA B 45 12.34 1.12 -0.99
N ASP B 46 12.77 2.39 -0.85
CA ASP B 46 11.97 3.46 -0.25
C ASP B 46 11.46 4.32 -1.39
N ILE B 47 10.16 4.24 -1.64
CA ILE B 47 9.53 4.87 -2.80
C ILE B 47 8.41 5.79 -2.35
N HIS B 48 8.59 7.08 -2.60
CA HIS B 48 7.61 8.08 -2.18
C HIS B 48 7.32 9.03 -3.32
N ALA B 49 6.13 9.63 -3.30
CA ALA B 49 5.73 10.56 -4.35
C ALA B 49 6.44 11.89 -4.25
N LEU B 50 6.79 12.43 -5.41
CA LEU B 50 7.33 13.78 -5.51
C LEU B 50 6.16 14.76 -5.63
N SER B 51 6.45 16.07 -5.69
CA SER B 51 5.41 17.06 -5.90
C SER B 51 4.80 16.87 -7.30
N ASN B 52 3.51 17.20 -7.45
CA ASN B 52 2.77 17.05 -8.72
C ASN B 52 2.89 15.63 -9.33
N ASN B 53 2.81 14.59 -8.46
CA ASN B 53 2.92 13.20 -8.92
C ASN B 53 1.78 12.98 -9.93
N PRO B 54 2.05 12.30 -11.07
CA PRO B 54 0.98 12.21 -12.10
C PRO B 54 -0.12 11.21 -11.80
N ASN B 55 0.10 10.36 -10.81
CA ASN B 55 -0.88 9.33 -10.48
C ASN B 55 -1.75 9.69 -9.28
N GLY B 56 -1.70 10.93 -8.84
CA GLY B 56 -2.57 11.41 -7.76
C GLY B 56 -2.04 11.34 -6.35
N TYR B 57 -0.79 10.90 -6.15
CA TYR B 57 -0.31 10.82 -4.79
C TYR B 57 0.15 12.15 -4.26
N PRO B 58 -0.27 12.53 -3.03
CA PRO B 58 0.28 13.75 -2.43
C PRO B 58 1.80 13.57 -2.20
N GLU B 59 2.55 14.67 -2.26
CA GLU B 59 3.99 14.65 -2.05
C GLU B 59 4.33 13.99 -0.72
N GLY B 60 5.29 13.05 -0.76
CA GLY B 60 5.72 12.35 0.44
C GLY B 60 4.96 11.06 0.72
N PHE B 61 3.83 10.81 0.06
CA PHE B 61 3.13 9.55 0.33
C PHE B 61 3.94 8.37 -0.16
N TRP B 62 3.84 7.28 0.56
CA TRP B 62 4.40 6.00 0.14
C TRP B 62 3.60 5.56 -1.10
N VAL B 63 4.30 5.01 -2.08
CA VAL B 63 3.63 4.54 -3.31
C VAL B 63 3.35 3.04 -3.13
N PRO B 64 2.06 2.66 -3.00
CA PRO B 64 1.70 1.29 -2.64
C PRO B 64 1.44 0.40 -3.85
N PHE B 65 1.31 -0.91 -3.62
CA PHE B 65 0.93 -1.91 -4.64
C PHE B 65 1.96 -2.09 -5.76
N LEU B 66 3.21 -1.73 -5.50
CA LEU B 66 4.27 -1.96 -6.49
C LEU B 66 4.85 -3.33 -6.30
N PHE B 67 5.51 -3.84 -7.31
CA PHE B 67 6.22 -5.12 -7.23
C PHE B 67 7.65 -4.80 -7.62
N ILE B 68 8.60 -5.17 -6.74
N ILE B 68 8.60 -5.13 -6.71
CA ILE B 68 10.00 -4.86 -6.96
CA ILE B 68 10.02 -4.82 -6.90
C ILE B 68 10.87 -6.09 -6.94
C ILE B 68 10.87 -6.08 -6.94
N LYS B 69 11.61 -6.29 -8.03
CA LYS B 69 12.57 -7.39 -8.11
C LYS B 69 13.94 -6.76 -7.91
N TYR B 70 14.89 -7.49 -7.35
CA TYR B 70 16.24 -6.95 -7.21
C TYR B 70 17.26 -7.93 -7.67
N GLU B 71 18.42 -7.39 -8.06
CA GLU B 71 19.59 -8.16 -8.47
C GLU B 71 20.79 -7.47 -7.86
N ILE B 72 21.59 -8.19 -7.07
CA ILE B 72 22.76 -7.63 -6.38
C ILE B 72 23.95 -8.43 -6.90
N THR B 73 24.93 -7.74 -7.51
N THR B 73 24.93 -7.75 -7.54
CA THR B 73 26.08 -8.40 -8.12
CA THR B 73 26.08 -8.43 -8.15
C THR B 73 27.35 -7.92 -7.45
C THR B 73 27.38 -7.93 -7.54
N LYS B 74 28.20 -8.86 -7.06
CA LYS B 74 29.49 -8.51 -6.45
C LYS B 74 30.49 -8.20 -7.57
N VAL B 75 31.01 -6.97 -7.58
CA VAL B 75 32.01 -6.56 -8.57
C VAL B 75 33.26 -7.47 -8.44
N GLY B 76 33.60 -8.13 -9.54
CA GLY B 76 34.75 -9.03 -9.60
C GLY B 76 34.57 -10.29 -8.78
N GLY B 77 33.33 -10.66 -8.46
CA GLY B 77 33.02 -11.87 -7.70
C GLY B 77 32.86 -13.12 -8.55
N SER B 78 33.12 -14.30 -7.96
CA SER B 78 33.06 -15.60 -8.63
C SER B 78 31.70 -16.27 -8.42
N GLY B 79 30.85 -15.61 -7.64
CA GLY B 79 29.50 -16.06 -7.29
C GLY B 79 28.43 -15.62 -8.27
N ALA B 80 27.27 -16.27 -8.22
CA ALA B 80 26.16 -15.90 -9.10
C ALA B 80 25.50 -14.67 -8.53
N PRO B 81 24.83 -13.82 -9.33
CA PRO B 81 24.13 -12.65 -8.75
C PRO B 81 23.10 -13.09 -7.71
N ILE B 82 22.90 -12.26 -6.71
CA ILE B 82 21.88 -12.46 -5.66
C ILE B 82 20.61 -11.88 -6.20
N THR B 83 19.50 -12.62 -6.18
CA THR B 83 18.23 -12.11 -6.71
C THR B 83 17.11 -12.42 -5.77
N GLY B 84 16.04 -11.64 -5.89
CA GLY B 84 14.84 -11.88 -5.10
C GLY B 84 13.77 -10.91 -5.47
N ASP B 85 12.60 -11.14 -4.83
N ASP B 85 12.78 -10.82 -4.61
CA ASP B 85 11.36 -10.38 -4.97
CA ASP B 85 11.80 -9.77 -4.77
C ASP B 85 11.07 -9.78 -3.60
C ASP B 85 11.46 -9.22 -3.41
N MET B 86 10.99 -8.46 -3.51
N MET B 86 10.88 -8.02 -3.39
CA MET B 86 10.70 -7.83 -2.22
CA MET B 86 10.55 -7.31 -2.17
C MET B 86 9.25 -8.04 -1.84
C MET B 86 9.14 -7.60 -1.73
N MET B 87 8.94 -7.71 -0.59
N MET B 87 8.96 -7.63 -0.41
CA MET B 87 7.59 -7.71 -0.07
CA MET B 87 7.65 -7.78 0.19
C MET B 87 7.32 -6.36 0.59
C MET B 87 7.31 -6.40 0.75
N ALA B 88 6.10 -5.89 0.51
CA ALA B 88 5.65 -4.68 1.15
C ALA B 88 5.38 -5.02 2.64
N MET B 89 5.77 -4.12 3.54
CA MET B 89 5.58 -4.35 4.97
C MET B 89 5.73 -3.07 5.73
N VAL B 90 5.19 -3.04 6.94
CA VAL B 90 5.27 -1.86 7.79
C VAL B 90 6.23 -2.06 8.96
N ALA B 91 7.00 -1.02 9.27
CA ALA B 91 7.94 -1.01 10.39
C ALA B 91 7.62 0.19 11.26
N SER B 92 8.40 0.41 12.34
CA SER B 92 8.08 1.49 13.27
C SER B 92 8.24 2.89 12.65
N ASP B 93 8.91 2.98 11.50
CA ASP B 93 9.06 4.23 10.75
C ASP B 93 8.18 4.24 9.49
N GLY B 94 7.20 3.36 9.40
CA GLY B 94 6.27 3.34 8.28
C GLY B 94 6.51 2.22 7.27
N PRO B 95 5.75 2.24 6.17
CA PRO B 95 5.83 1.14 5.16
C PRO B 95 7.07 1.22 4.28
N HIS B 96 7.51 0.05 3.83
CA HIS B 96 8.65 -0.09 2.91
C HIS B 96 8.40 -1.28 2.01
N TYR B 97 9.26 -1.46 0.99
CA TYR B 97 9.40 -2.73 0.27
C TYR B 97 10.75 -3.25 0.75
N GLY B 98 10.83 -4.52 1.10
CA GLY B 98 12.10 -5.04 1.59
C GLY B 98 12.24 -6.54 1.50
N ASP B 99 13.46 -7.01 1.77
CA ASP B 99 13.75 -8.44 1.84
C ASP B 99 15.00 -8.68 2.65
N ASN B 100 15.04 -9.80 3.41
CA ASN B 100 16.29 -10.22 4.07
C ASN B 100 17.17 -10.88 3.03
N VAL B 101 18.47 -10.49 3.00
N VAL B 101 18.47 -10.52 2.99
CA VAL B 101 19.43 -10.95 1.99
CA VAL B 101 19.36 -11.05 1.97
C VAL B 101 20.70 -11.47 2.62
C VAL B 101 20.69 -11.47 2.59
N LYS B 102 21.27 -12.52 2.01
CA LYS B 102 22.60 -12.98 2.37
C LYS B 102 23.52 -12.52 1.23
N LEU B 103 24.55 -11.74 1.59
CA LEU B 103 25.52 -11.26 0.61
C LEU B 103 26.68 -12.25 0.41
N GLN B 104 27.71 -11.85 -0.37
CA GLN B 104 28.86 -12.71 -0.71
C GLN B 104 30.16 -12.13 -0.19
N GLY B 105 30.10 -11.56 1.01
CA GLY B 105 31.30 -11.02 1.63
C GLY B 105 31.54 -9.54 1.38
N PRO B 106 32.55 -8.97 2.01
CA PRO B 106 32.84 -7.54 1.78
C PRO B 106 33.28 -7.23 0.38
N GLY B 107 32.92 -6.03 -0.08
CA GLY B 107 33.33 -5.56 -1.40
C GLY B 107 32.33 -4.61 -2.00
N LYS B 108 32.55 -4.30 -3.28
CA LYS B 108 31.70 -3.42 -4.06
C LYS B 108 30.62 -4.23 -4.69
N TYR B 109 29.41 -3.68 -4.65
CA TYR B 109 28.26 -4.34 -5.21
C TYR B 109 27.50 -3.43 -6.10
N LYS B 110 26.91 -4.00 -7.14
N LYS B 110 26.87 -4.01 -7.13
CA LYS B 110 25.96 -3.31 -7.99
CA LYS B 110 25.96 -3.30 -8.04
C LYS B 110 24.60 -3.75 -7.46
C LYS B 110 24.54 -3.76 -7.67
N VAL B 111 23.65 -2.81 -7.33
CA VAL B 111 22.28 -3.09 -6.89
C VAL B 111 21.32 -2.59 -7.95
N LYS B 112 20.50 -3.48 -8.52
CA LYS B 112 19.52 -3.07 -9.52
C LYS B 112 18.12 -3.44 -9.06
N TYR B 113 17.20 -2.47 -9.05
CA TYR B 113 15.79 -2.75 -8.75
C TYR B 113 14.99 -2.63 -10.04
N THR B 114 14.03 -3.51 -10.25
CA THR B 114 13.10 -3.42 -11.38
C THR B 114 11.72 -3.23 -10.76
N ILE B 115 11.10 -2.10 -11.05
CA ILE B 115 9.88 -1.64 -10.41
C ILE B 115 8.71 -1.73 -11.35
N TYR B 116 7.71 -2.52 -10.96
CA TYR B 116 6.54 -2.78 -11.76
C TYR B 116 5.36 -2.00 -11.21
N PRO B 117 4.58 -1.36 -12.10
CA PRO B 117 3.42 -0.60 -11.68
C PRO B 117 2.27 -1.54 -11.25
N PRO B 118 1.22 -0.97 -10.64
CA PRO B 118 0.11 -1.79 -10.16
C PRO B 118 -0.89 -2.23 -11.23
N ASN B 119 -0.57 -2.08 -12.51
CA ASN B 119 -1.37 -2.68 -13.57
C ASN B 119 -0.52 -3.66 -14.38
N ALA B 120 0.71 -3.98 -13.96
CA ALA B 120 1.52 -4.94 -14.71
C ALA B 120 1.04 -6.35 -14.48
N LYS B 121 0.98 -7.13 -15.53
CA LYS B 121 0.55 -8.52 -15.39
C LYS B 121 1.53 -9.34 -14.55
N GLU B 122 2.79 -8.90 -14.45
CA GLU B 122 3.82 -9.60 -13.65
C GLU B 122 3.70 -9.29 -12.14
N ASN B 123 2.92 -8.28 -11.79
CA ASN B 123 2.80 -7.81 -10.42
C ASN B 123 1.58 -8.49 -9.79
N PRO B 124 1.80 -9.34 -8.75
CA PRO B 124 0.67 -10.06 -8.14
C PRO B 124 -0.22 -9.18 -7.30
N MET B 125 0.11 -7.91 -7.10
CA MET B 125 -0.79 -7.01 -6.41
C MET B 125 -1.73 -6.25 -7.35
N SER B 126 -1.48 -6.36 -8.68
CA SER B 126 -2.32 -5.68 -9.68
C SER B 126 -3.80 -6.00 -9.60
N PRO B 127 -4.26 -7.24 -9.25
CA PRO B 127 -5.70 -7.49 -9.16
C PRO B 127 -6.40 -6.75 -8.04
N TYR B 128 -5.65 -6.10 -7.14
CA TYR B 128 -6.18 -5.49 -5.94
C TYR B 128 -6.15 -3.99 -5.94
N TYR B 129 -5.80 -3.36 -7.08
CA TYR B 129 -5.70 -1.90 -7.06
C TYR B 129 -6.21 -1.32 -8.36
N GLY B 130 -6.81 -0.15 -8.26
CA GLY B 130 -7.37 0.55 -9.42
C GLY B 130 -6.85 1.98 -9.55
N ARG B 131 -7.28 2.62 -10.64
CA ARG B 131 -6.92 4.00 -10.90
C ARG B 131 -8.16 4.67 -11.49
N HIS B 132 -8.59 5.80 -10.92
CA HIS B 132 -9.73 6.54 -11.52
C HIS B 132 -9.33 7.09 -12.87
N THR B 133 -10.30 7.05 -13.82
CA THR B 133 -10.07 7.54 -15.19
C THR B 133 -11.12 8.55 -15.63
N ASP B 134 -12.11 8.84 -14.78
CA ASP B 134 -13.14 9.83 -15.15
C ASP B 134 -12.53 11.23 -15.17
N ARG B 135 -13.21 12.18 -15.82
CA ARG B 135 -12.66 13.52 -15.96
C ARG B 135 -12.40 14.23 -14.64
N GLU B 136 -13.35 14.21 -13.71
CA GLU B 136 -13.24 15.01 -12.49
C GLU B 136 -12.30 14.46 -11.45
N THR B 137 -12.12 13.13 -11.38
CA THR B 137 -11.27 12.56 -10.33
C THR B 137 -10.14 11.69 -10.85
N GLY B 138 -10.04 11.55 -12.17
CA GLY B 138 -9.04 10.68 -12.79
C GLY B 138 -7.63 11.20 -12.74
N VAL B 139 -6.68 10.30 -12.96
CA VAL B 139 -5.26 10.61 -12.94
C VAL B 139 -4.63 10.10 -14.21
N ARG B 140 -3.35 10.41 -14.43
CA ARG B 140 -2.65 9.99 -15.61
C ARG B 140 -2.36 8.48 -15.57
N PRO B 141 -2.07 7.86 -16.73
CA PRO B 141 -1.78 6.42 -16.73
C PRO B 141 -0.58 6.06 -15.86
N TRP B 142 -0.56 4.80 -15.44
CA TRP B 142 0.57 4.31 -14.69
C TRP B 142 1.86 4.39 -15.51
N PHE B 143 2.98 4.56 -14.83
CA PHE B 143 4.29 4.49 -15.43
C PHE B 143 4.53 3.08 -15.96
N LYS B 144 5.47 2.91 -16.88
CA LYS B 144 5.85 1.61 -17.40
C LYS B 144 6.98 1.05 -16.54
N THR B 145 7.05 -0.27 -16.43
CA THR B 145 8.11 -0.95 -15.68
C THR B 145 9.46 -0.40 -16.03
N PHE B 146 10.29 -0.14 -15.01
CA PHE B 146 11.61 0.43 -15.25
C PHE B 146 12.58 -0.07 -14.23
N SER B 147 13.86 0.12 -14.50
N SER B 147 13.88 0.07 -14.51
CA SER B 147 14.86 -0.28 -13.54
CA SER B 147 14.92 -0.33 -13.58
C SER B 147 15.68 0.92 -13.09
C SER B 147 15.81 0.83 -13.18
N VAL B 148 16.34 0.77 -11.94
CA VAL B 148 17.26 1.77 -11.37
CA VAL B 148 17.22 1.78 -11.32
C VAL B 148 18.42 1.02 -10.78
N GLU B 149 19.63 1.59 -10.87
CA GLU B 149 20.81 0.91 -10.38
C GLU B 149 21.71 1.84 -9.60
N TRP B 150 22.39 1.27 -8.61
CA TRP B 150 23.37 1.97 -7.77
C TRP B 150 24.56 1.06 -7.58
N ASP B 151 25.67 1.66 -7.17
CA ASP B 151 26.85 0.92 -6.75
C ASP B 151 27.02 1.29 -5.28
N PHE B 152 27.49 0.34 -4.44
CA PHE B 152 27.85 0.70 -3.07
C PHE B 152 28.93 -0.26 -2.58
N THR B 153 29.62 0.12 -1.52
CA THR B 153 30.63 -0.74 -0.94
C THR B 153 30.10 -1.23 0.38
N TYR B 154 30.15 -2.53 0.56
CA TYR B 154 29.72 -3.15 1.80
C TYR B 154 31.00 -3.73 2.46
N ALA B 155 31.49 -3.09 3.50
CA ALA B 155 32.71 -3.58 4.15
C ALA B 155 32.88 -3.00 5.52
N GLY B 156 33.32 -3.83 6.46
CA GLY B 156 33.71 -3.40 7.80
C GLY B 156 33.44 -4.45 8.84
N ILE B 157 34.20 -4.40 9.94
CA ILE B 157 34.04 -5.29 11.09
C ILE B 157 32.65 -5.18 11.73
N GLY B 158 31.98 -4.03 11.57
CA GLY B 158 30.63 -3.80 12.09
C GLY B 158 29.52 -4.20 11.11
N LYS B 159 29.89 -4.74 9.92
CA LYS B 159 28.95 -5.15 8.89
C LYS B 159 28.84 -6.67 8.92
N LYS B 160 27.62 -7.20 9.12
CA LYS B 160 27.41 -8.65 9.16
C LYS B 160 27.75 -9.21 7.78
N GLY B 161 28.69 -10.17 7.74
CA GLY B 161 29.16 -10.77 6.49
C GLY B 161 29.97 -9.79 5.65
N GLY B 162 30.47 -8.72 6.27
CA GLY B 162 31.25 -7.70 5.57
C GLY B 162 32.69 -7.62 6.02
N TYR B 163 33.19 -8.70 6.64
CA TYR B 163 34.57 -8.71 7.11
C TYR B 163 35.23 -10.09 7.01
S SO4 C . 4.40 -8.96 18.30
O1 SO4 C . 5.88 -9.06 18.18
O2 SO4 C . 3.98 -7.62 17.92
O3 SO4 C . 3.78 -10.00 17.46
O4 SO4 C . 4.00 -9.18 19.70
S SO4 D . -17.33 -12.73 6.77
O1 SO4 D . -17.99 -11.95 5.72
O2 SO4 D . -16.25 -11.96 7.35
O3 SO4 D . -18.30 -13.08 7.83
O4 SO4 D . -16.79 -13.97 6.18
NA NA E . -9.07 -1.08 -18.32
NA NA F . -26.33 13.62 4.85
NA NA G . -14.47 8.01 17.62
NA NA H . -21.77 10.75 12.31
C1 GOL I . -10.42 -2.78 16.79
O1 GOL I . -11.00 -4.08 16.71
C2 GOL I . -11.21 -1.86 17.70
O2 GOL I . -11.73 -2.61 18.82
C3 GOL I . -10.28 -0.79 18.22
O3 GOL I . -10.42 -0.59 19.63
S SO4 J . 22.02 -19.10 -0.48
O1 SO4 J . 22.68 -17.96 -1.09
O2 SO4 J . 22.53 -19.27 0.88
O3 SO4 J . 20.56 -18.92 -0.42
O4 SO4 J . 22.31 -20.30 -1.26
S SO4 K . -6.67 7.43 -19.20
O1 SO4 K . -6.10 8.00 -20.44
O2 SO4 K . -5.97 8.02 -18.06
O3 SO4 K . -8.10 7.80 -19.10
O4 SO4 K . -6.54 5.97 -19.25
NA NA L . -6.18 -6.07 -13.18
#